data_9I6T
#
_entry.id   9I6T
#
_cell.length_a   82.191
_cell.length_b   113.033
_cell.length_c   62.894
_cell.angle_alpha   90.00
_cell.angle_beta   90.00
_cell.angle_gamma   90.00
#
_symmetry.space_group_name_H-M   'C 2 2 21'
#
loop_
_entity.id
_entity.type
_entity.pdbx_description
1 polymer '14-3-3 protein sigma'
2 polymer 'Estrogen receptor'
3 non-polymer 2-chloranyl-~{N}-[[4-[3-[(2-chloranyl-6-methyl-phenyl)amino]imidazo[1,2-a]pyridin-2-yl]phenyl]methyl]ethanamide
4 non-polymer 'CALCIUM ION'
5 non-polymer 'CHLORIDE ION'
6 water water
#
loop_
_entity_poly.entity_id
_entity_poly.type
_entity_poly.pdbx_seq_one_letter_code
_entity_poly.pdbx_strand_id
1 'polypeptide(L)'
;GAMGSMERASLIQKAKLAEQAERYEDMAAFMKGAVEKGEELSCEERNLLSVAYKNVVGGQRAAWRVLSSIEQKSNEEGSE
EKGPEVREYREKVETELQGVCDTVLGLLDSHLIKEAGDAESRVFYLKMKGDYYRYLAEVATGDDKKRIIDSARSAYQEAM
DISKKEMPPTNPIRLGLALNFSVFHYEIANSPEEAISLAKTTFDEAMADLHTLSEDSYKDSTLIMQLLRDNLTLWT
;
A
2 'polypeptide(L)' FPA(TPO)V B
#
loop_
_chem_comp.id
_chem_comp.type
_chem_comp.name
_chem_comp.formula
A1I0Q non-polymer 2-chloranyl-~{N}-[[4-[3-[(2-chloranyl-6-methyl-phenyl)amino]imidazo[1,2-a]pyridin-2-yl]phenyl]methyl]ethanamide 'C23 H20 Cl2 N4 O'
CA non-polymer 'CALCIUM ION' 'Ca 2'
CL non-polymer 'CHLORIDE ION' 'Cl -1'
#
# COMPACT_ATOMS: atom_id res chain seq x y z
N GLY A 1 7.91 12.53 20.50
CA GLY A 1 8.49 12.04 19.27
C GLY A 1 9.93 12.51 19.05
N ALA A 2 10.73 11.63 18.45
CA ALA A 2 12.15 11.88 18.21
C ALA A 2 12.39 13.12 17.36
N MET A 3 11.43 13.42 16.47
CA MET A 3 11.56 14.55 15.57
C MET A 3 10.83 15.81 16.05
N GLY A 4 10.41 15.79 17.31
CA GLY A 4 9.60 16.85 17.88
C GLY A 4 10.26 18.23 17.86
N SER A 5 11.60 18.24 17.89
CA SER A 5 12.31 19.50 17.91
C SER A 5 12.66 20.06 16.54
N MET A 6 12.39 19.31 15.46
CA MET A 6 12.76 19.77 14.14
C MET A 6 11.56 20.43 13.45
N GLU A 7 11.81 21.56 12.78
CA GLU A 7 10.77 22.24 12.03
C GLU A 7 10.10 21.31 11.01
N ARG A 8 8.80 21.51 10.81
CA ARG A 8 8.08 20.76 9.79
C ARG A 8 8.74 20.90 8.41
N ALA A 9 9.10 22.13 8.03
CA ALA A 9 9.65 22.32 6.69
C ALA A 9 11.00 21.62 6.54
N SER A 10 11.79 21.61 7.62
CA SER A 10 13.08 20.93 7.63
C SER A 10 12.92 19.42 7.50
N LEU A 11 11.89 18.86 8.15
CA LEU A 11 11.59 17.43 8.03
C LEU A 11 11.24 17.06 6.58
N ILE A 12 10.41 17.90 5.93
CA ILE A 12 10.07 17.66 4.54
C ILE A 12 11.30 17.77 3.64
N GLN A 13 12.13 18.80 3.85
CA GLN A 13 13.35 18.97 3.08
CA GLN A 13 13.35 18.97 3.08
C GLN A 13 14.25 17.74 3.22
N LYS A 14 14.42 17.27 4.46
CA LYS A 14 15.28 16.12 4.70
C LYS A 14 14.68 14.81 4.17
N ALA A 15 13.35 14.68 4.18
CA ALA A 15 12.73 13.53 3.53
C ALA A 15 13.10 13.46 2.05
N LYS A 16 13.10 14.62 1.38
CA LYS A 16 13.45 14.66 -0.04
C LYS A 16 14.92 14.30 -0.25
N LEU A 17 15.80 14.79 0.64
CA LEU A 17 17.22 14.42 0.58
C LEU A 17 17.41 12.91 0.80
N ALA A 18 16.71 12.37 1.81
CA ALA A 18 16.78 10.95 2.09
C ALA A 18 16.35 10.10 0.89
N GLU A 19 15.30 10.54 0.19
CA GLU A 19 14.86 9.88 -1.03
C GLU A 19 15.99 9.84 -2.07
N GLN A 20 16.62 11.00 -2.32
CA GLN A 20 17.72 11.08 -3.27
C GLN A 20 18.88 10.15 -2.91
N ALA A 21 19.13 10.00 -1.60
CA ALA A 21 20.19 9.14 -1.09
C ALA A 21 19.77 7.67 -0.92
N GLU A 22 18.53 7.32 -1.28
CA GLU A 22 17.96 5.99 -1.11
C GLU A 22 18.05 5.52 0.35
N ARG A 23 17.82 6.47 1.26
CA ARG A 23 17.80 6.21 2.71
C ARG A 23 16.35 6.20 3.18
N TYR A 24 15.64 5.10 2.87
CA TYR A 24 14.19 5.09 3.02
C TYR A 24 13.72 5.00 4.48
N GLU A 25 14.51 4.34 5.35
CA GLU A 25 14.19 4.33 6.78
CA GLU A 25 14.19 4.33 6.76
C GLU A 25 14.24 5.74 7.34
N ASP A 26 15.28 6.51 6.98
CA ASP A 26 15.35 7.91 7.39
C ASP A 26 14.18 8.71 6.82
N MET A 27 13.89 8.49 5.53
CA MET A 27 12.80 9.19 4.89
C MET A 27 11.50 8.98 5.66
N ALA A 28 11.23 7.72 6.03
CA ALA A 28 10.01 7.38 6.76
C ALA A 28 9.96 8.07 8.12
N ALA A 29 11.10 8.08 8.82
CA ALA A 29 11.16 8.75 10.12
C ALA A 29 10.92 10.25 10.01
N PHE A 30 11.46 10.89 8.95
CA PHE A 30 11.22 12.31 8.72
C PHE A 30 9.75 12.58 8.42
N MET A 31 9.14 11.72 7.59
CA MET A 31 7.75 11.93 7.25
C MET A 31 6.80 11.65 8.42
N LYS A 32 7.12 10.65 9.26
CA LYS A 32 6.35 10.42 10.48
C LYS A 32 6.41 11.67 11.35
N GLY A 33 7.61 12.26 11.49
CA GLY A 33 7.75 13.48 12.26
C GLY A 33 6.90 14.61 11.69
N ALA A 34 6.87 14.72 10.36
CA ALA A 34 6.07 15.74 9.72
C ALA A 34 4.58 15.53 9.99
N VAL A 35 4.10 14.28 9.86
CA VAL A 35 2.70 14.01 10.16
C VAL A 35 2.36 14.38 11.59
N GLU A 36 3.26 14.04 12.52
CA GLU A 36 3.01 14.30 13.93
C GLU A 36 3.00 15.77 14.31
N LYS A 37 3.37 16.67 13.39
CA LYS A 37 3.18 18.10 13.63
C LYS A 37 1.70 18.47 13.71
N GLY A 38 0.81 17.61 13.17
CA GLY A 38 -0.60 17.81 13.32
C GLY A 38 -1.34 18.51 12.18
N GLU A 39 -0.58 19.08 11.23
CA GLU A 39 -1.18 19.76 10.10
C GLU A 39 -1.49 18.73 9.01
N GLU A 40 -2.47 19.04 8.18
CA GLU A 40 -2.75 18.23 7.01
C GLU A 40 -1.54 18.20 6.08
N LEU A 41 -1.45 17.16 5.26
CA LEU A 41 -0.42 16.99 4.24
C LEU A 41 -0.90 17.51 2.90
N SER A 42 0.03 18.10 2.14
CA SER A 42 -0.20 18.43 0.74
C SER A 42 -0.15 17.17 -0.14
N CYS A 43 -0.48 17.35 -1.41
CA CYS A 43 -0.34 16.28 -2.38
CA CYS A 43 -0.35 16.27 -2.38
C CYS A 43 1.09 15.74 -2.46
N GLU A 44 2.06 16.66 -2.59
CA GLU A 44 3.46 16.25 -2.66
C GLU A 44 3.87 15.49 -1.41
N GLU A 45 3.44 15.99 -0.25
CA GLU A 45 3.80 15.36 1.00
C GLU A 45 3.17 13.96 1.19
N ARG A 46 1.94 13.77 0.70
CA ARG A 46 1.34 12.44 0.67
C ARG A 46 2.20 11.47 -0.14
N ASN A 47 2.66 11.89 -1.32
CA ASN A 47 3.55 11.06 -2.11
C ASN A 47 4.81 10.68 -1.35
N LEU A 48 5.42 11.65 -0.66
CA LEU A 48 6.63 11.36 0.09
C LEU A 48 6.37 10.31 1.18
N LEU A 49 5.27 10.48 1.89
CA LEU A 49 4.88 9.53 2.94
C LEU A 49 4.75 8.12 2.38
N SER A 50 4.02 8.02 1.26
N SER A 50 4.06 8.00 1.25
CA SER A 50 3.81 6.75 0.59
CA SER A 50 3.82 6.67 0.69
C SER A 50 5.12 6.10 0.18
C SER A 50 5.10 6.06 0.11
N VAL A 51 5.95 6.86 -0.55
CA VAL A 51 7.20 6.33 -1.07
C VAL A 51 8.07 5.78 0.05
N ALA A 52 8.19 6.55 1.15
CA ALA A 52 9.06 6.15 2.24
C ALA A 52 8.64 4.79 2.79
N TYR A 53 7.37 4.69 3.21
CA TYR A 53 6.92 3.45 3.84
C TYR A 53 6.80 2.29 2.87
N LYS A 54 6.46 2.57 1.60
CA LYS A 54 6.42 1.51 0.61
C LYS A 54 7.77 0.83 0.45
N ASN A 55 8.84 1.63 0.43
CA ASN A 55 10.17 1.09 0.29
C ASN A 55 10.59 0.32 1.53
N VAL A 56 10.33 0.87 2.72
CA VAL A 56 10.66 0.17 3.95
C VAL A 56 9.92 -1.18 4.03
N VAL A 57 8.59 -1.15 3.91
CA VAL A 57 7.84 -2.39 4.06
C VAL A 57 8.11 -3.34 2.89
N GLY A 58 8.39 -2.80 1.71
CA GLY A 58 8.70 -3.63 0.56
C GLY A 58 9.93 -4.50 0.80
N GLY A 59 10.95 -3.93 1.42
CA GLY A 59 12.14 -4.68 1.74
C GLY A 59 11.85 -5.76 2.78
N GLN A 60 11.02 -5.41 3.77
CA GLN A 60 10.63 -6.39 4.79
C GLN A 60 9.83 -7.55 4.21
N ARG A 61 8.87 -7.23 3.32
CA ARG A 61 8.07 -8.25 2.67
C ARG A 61 8.96 -9.19 1.85
N ALA A 62 9.90 -8.63 1.09
CA ALA A 62 10.78 -9.47 0.29
C ALA A 62 11.57 -10.41 1.19
N ALA A 63 12.09 -9.89 2.30
CA ALA A 63 12.88 -10.71 3.23
C ALA A 63 12.02 -11.81 3.87
N TRP A 64 10.81 -11.43 4.28
CA TRP A 64 9.88 -12.37 4.87
C TRP A 64 9.60 -13.52 3.91
N ARG A 65 9.39 -13.22 2.63
CA ARG A 65 9.11 -14.25 1.66
C ARG A 65 10.28 -15.22 1.50
N VAL A 66 11.51 -14.70 1.50
CA VAL A 66 12.69 -15.54 1.39
C VAL A 66 12.74 -16.50 2.57
N LEU A 67 12.55 -15.96 3.78
CA LEU A 67 12.66 -16.74 5.00
C LEU A 67 11.52 -17.76 5.10
N SER A 68 10.31 -17.34 4.74
CA SER A 68 9.17 -18.24 4.75
CA SER A 68 9.18 -18.25 4.76
C SER A 68 9.37 -19.43 3.81
N SER A 69 9.95 -19.19 2.64
CA SER A 69 10.23 -20.27 1.70
C SER A 69 11.23 -21.27 2.28
N ILE A 70 12.28 -20.75 2.95
CA ILE A 70 13.26 -21.63 3.59
C ILE A 70 12.60 -22.46 4.69
N GLU A 71 11.78 -21.79 5.50
CA GLU A 71 11.05 -22.46 6.57
C GLU A 71 10.14 -23.56 6.02
N GLN A 72 9.39 -23.29 4.94
CA GLN A 72 8.53 -24.28 4.32
C GLN A 72 9.33 -25.50 3.87
N LYS A 73 10.50 -25.29 3.25
CA LYS A 73 11.34 -26.40 2.80
C LYS A 73 11.86 -27.24 3.96
N SER A 74 12.14 -26.60 5.11
CA SER A 74 12.62 -27.29 6.30
CA SER A 74 12.61 -27.30 6.29
C SER A 74 11.56 -28.25 6.87
N ASN A 75 10.29 -27.92 6.65
CA ASN A 75 9.18 -28.74 7.15
C ASN A 75 8.67 -29.77 6.15
N GLU A 76 9.44 -30.00 5.07
CA GLU A 76 9.16 -31.05 4.11
C GLU A 76 9.68 -32.39 4.62
N GLU A 77 9.15 -33.49 4.06
CA GLU A 77 9.52 -34.83 4.47
C GLU A 77 10.94 -35.15 3.97
N GLY A 78 11.78 -35.67 4.87
CA GLY A 78 13.15 -35.99 4.54
C GLY A 78 14.11 -34.81 4.66
N SER A 79 13.61 -33.65 5.09
CA SER A 79 14.47 -32.51 5.33
C SER A 79 15.06 -32.65 6.74
N GLU A 80 16.37 -32.44 6.84
CA GLU A 80 17.09 -32.63 8.08
C GLU A 80 16.72 -31.51 9.05
N GLU A 81 16.61 -31.86 10.34
CA GLU A 81 16.25 -30.91 11.39
C GLU A 81 17.41 -29.95 11.64
N LYS A 82 17.12 -28.63 11.58
CA LYS A 82 18.16 -27.62 11.75
C LYS A 82 17.94 -26.76 13.00
N GLY A 83 16.91 -27.10 13.78
CA GLY A 83 16.61 -26.38 15.01
C GLY A 83 15.66 -25.21 14.83
N PRO A 84 15.50 -24.35 15.87
CA PRO A 84 14.50 -23.29 15.85
C PRO A 84 14.90 -22.00 15.12
N GLU A 85 16.13 -21.94 14.56
CA GLU A 85 16.65 -20.67 14.11
C GLU A 85 15.90 -20.07 12.91
N VAL A 86 15.50 -20.88 11.93
CA VAL A 86 14.79 -20.33 10.79
C VAL A 86 13.47 -19.70 11.23
N ARG A 87 12.69 -20.44 12.03
CA ARG A 87 11.44 -19.90 12.54
C ARG A 87 11.67 -18.62 13.33
N GLU A 88 12.67 -18.64 14.24
CA GLU A 88 12.95 -17.48 15.06
C GLU A 88 13.26 -16.25 14.22
N TYR A 89 14.08 -16.41 13.18
CA TYR A 89 14.49 -15.27 12.40
C TYR A 89 13.34 -14.79 11.50
N ARG A 90 12.56 -15.73 10.94
CA ARG A 90 11.36 -15.33 10.23
C ARG A 90 10.42 -14.54 11.14
N GLU A 91 10.24 -15.02 12.38
CA GLU A 91 9.43 -14.31 13.36
C GLU A 91 9.96 -12.90 13.68
N LYS A 92 11.28 -12.76 13.75
CA LYS A 92 11.88 -11.45 14.00
C LYS A 92 11.53 -10.47 12.88
N VAL A 93 11.73 -10.91 11.64
CA VAL A 93 11.42 -10.07 10.49
C VAL A 93 9.92 -9.77 10.46
N GLU A 94 9.09 -10.80 10.72
CA GLU A 94 7.65 -10.62 10.75
C GLU A 94 7.22 -9.56 11.76
N THR A 95 7.80 -9.61 12.97
CA THR A 95 7.41 -8.68 14.01
C THR A 95 7.80 -7.25 13.62
N GLU A 96 8.96 -7.08 12.99
CA GLU A 96 9.41 -5.78 12.53
CA GLU A 96 9.38 -5.76 12.55
C GLU A 96 8.46 -5.24 11.45
N LEU A 97 8.07 -6.11 10.51
CA LEU A 97 7.11 -5.75 9.48
C LEU A 97 5.78 -5.30 10.07
N GLN A 98 5.27 -6.11 11.01
CA GLN A 98 4.02 -5.75 11.66
C GLN A 98 4.13 -4.41 12.38
N GLY A 99 5.30 -4.14 12.98
CA GLY A 99 5.50 -2.86 13.65
C GLY A 99 5.42 -1.67 12.70
N VAL A 100 6.00 -1.80 11.50
CA VAL A 100 5.92 -0.76 10.48
C VAL A 100 4.47 -0.54 10.04
N CYS A 101 3.75 -1.64 9.80
CA CYS A 101 2.36 -1.52 9.41
C CYS A 101 1.55 -0.82 10.50
N ASP A 102 1.77 -1.22 11.76
CA ASP A 102 1.06 -0.59 12.86
C ASP A 102 1.38 0.89 12.98
N THR A 103 2.63 1.26 12.68
CA THR A 103 3.03 2.67 12.68
C THR A 103 2.23 3.45 11.63
N VAL A 104 2.18 2.92 10.41
CA VAL A 104 1.46 3.59 9.33
C VAL A 104 -0.03 3.71 9.69
N LEU A 105 -0.63 2.58 10.12
CA LEU A 105 -2.04 2.61 10.46
C LEU A 105 -2.32 3.60 11.58
N GLY A 106 -1.37 3.72 12.51
CA GLY A 106 -1.50 4.68 13.59
C GLY A 106 -1.51 6.13 13.11
N LEU A 107 -0.66 6.47 12.15
CA LEU A 107 -0.64 7.81 11.57
C LEU A 107 -1.95 8.10 10.85
N LEU A 108 -2.48 7.10 10.13
CA LEU A 108 -3.73 7.30 9.43
C LEU A 108 -4.88 7.52 10.40
N ASP A 109 -4.88 6.79 11.53
CA ASP A 109 -5.94 6.87 12.52
CA ASP A 109 -5.94 6.88 12.51
C ASP A 109 -5.79 8.09 13.42
N SER A 110 -4.58 8.66 13.51
CA SER A 110 -4.28 9.77 14.40
C SER A 110 -3.40 10.82 13.73
N HIS A 111 -3.99 11.67 12.87
CA HIS A 111 -5.41 11.84 12.61
C HIS A 111 -5.64 12.14 11.12
N LEU A 112 -4.86 11.50 10.24
CA LEU A 112 -4.90 11.87 8.83
C LEU A 112 -6.26 11.66 8.18
N ILE A 113 -6.86 10.47 8.41
CA ILE A 113 -8.12 10.18 7.75
C ILE A 113 -9.24 11.11 8.21
N LYS A 114 -9.36 11.33 9.53
CA LYS A 114 -10.50 12.09 10.01
C LYS A 114 -10.47 13.56 9.57
N GLU A 115 -9.28 14.11 9.27
CA GLU A 115 -9.20 15.50 8.85
C GLU A 115 -9.22 15.67 7.32
N ALA A 116 -9.21 14.55 6.57
CA ALA A 116 -9.18 14.55 5.12
C ALA A 116 -10.59 14.66 4.56
N GLY A 117 -10.93 15.83 4.02
CA GLY A 117 -12.26 16.09 3.48
C GLY A 117 -12.34 16.09 1.96
N ASP A 118 -11.24 16.37 1.29
CA ASP A 118 -11.22 16.35 -0.17
C ASP A 118 -11.13 14.91 -0.66
N ALA A 119 -11.78 14.62 -1.78
CA ALA A 119 -11.86 13.24 -2.23
C ALA A 119 -10.47 12.65 -2.43
N GLU A 120 -9.57 13.41 -3.07
CA GLU A 120 -8.25 12.87 -3.39
C GLU A 120 -7.53 12.44 -2.12
N SER A 121 -7.54 13.28 -1.09
CA SER A 121 -6.83 12.93 0.14
CA SER A 121 -6.86 12.95 0.16
C SER A 121 -7.51 11.76 0.85
N ARG A 122 -8.84 11.80 0.97
CA ARG A 122 -9.53 10.76 1.70
CA ARG A 122 -9.56 10.76 1.70
C ARG A 122 -9.32 9.40 1.03
N VAL A 123 -9.45 9.35 -0.30
CA VAL A 123 -9.24 8.10 -1.03
C VAL A 123 -7.79 7.65 -0.89
N PHE A 124 -6.83 8.58 -1.01
CA PHE A 124 -5.43 8.23 -0.84
C PHE A 124 -5.18 7.53 0.50
N TYR A 125 -5.70 8.11 1.59
CA TYR A 125 -5.46 7.57 2.91
C TYR A 125 -6.18 6.24 3.17
N LEU A 126 -7.42 6.14 2.68
CA LEU A 126 -8.15 4.89 2.85
C LEU A 126 -7.50 3.77 2.02
N LYS A 127 -7.02 4.08 0.81
CA LYS A 127 -6.23 3.13 0.06
C LYS A 127 -5.01 2.65 0.85
N MET A 128 -4.30 3.61 1.47
CA MET A 128 -3.14 3.22 2.25
CA MET A 128 -3.15 3.27 2.30
C MET A 128 -3.54 2.32 3.43
N LYS A 129 -4.67 2.64 4.10
CA LYS A 129 -5.16 1.79 5.17
C LYS A 129 -5.39 0.36 4.66
N GLY A 130 -6.04 0.25 3.49
CA GLY A 130 -6.25 -1.07 2.92
C GLY A 130 -4.94 -1.80 2.63
N ASP A 131 -3.98 -1.06 2.06
CA ASP A 131 -2.70 -1.63 1.72
C ASP A 131 -1.97 -2.21 2.94
N TYR A 132 -1.91 -1.42 4.03
CA TYR A 132 -1.15 -1.88 5.18
C TYR A 132 -1.87 -2.99 5.95
N TYR A 133 -3.21 -3.00 5.96
CA TYR A 133 -3.89 -4.18 6.45
C TYR A 133 -3.62 -5.39 5.54
N ARG A 134 -3.55 -5.18 4.22
CA ARG A 134 -3.18 -6.24 3.32
C ARG A 134 -1.82 -6.83 3.64
N TYR A 135 -0.84 -5.98 3.94
CA TYR A 135 0.47 -6.49 4.31
C TYR A 135 0.42 -7.29 5.61
N LEU A 136 -0.39 -6.84 6.57
CA LEU A 136 -0.59 -7.61 7.79
C LEU A 136 -1.25 -8.95 7.47
N ALA A 137 -2.20 -8.95 6.53
CA ALA A 137 -2.88 -10.19 6.16
C ALA A 137 -1.94 -11.20 5.52
N GLU A 138 -0.93 -10.71 4.79
CA GLU A 138 0.01 -11.60 4.11
C GLU A 138 0.74 -12.51 5.10
N VAL A 139 0.95 -12.02 6.34
CA VAL A 139 1.72 -12.77 7.33
C VAL A 139 0.86 -13.36 8.46
N ALA A 140 -0.44 -13.08 8.43
CA ALA A 140 -1.36 -13.54 9.47
C ALA A 140 -1.69 -15.02 9.31
N THR A 141 -1.73 -15.72 10.45
CA THR A 141 -2.11 -17.13 10.52
C THR A 141 -3.02 -17.51 11.68
N GLY A 142 -3.26 -16.58 12.61
CA GLY A 142 -3.98 -16.86 13.85
C GLY A 142 -5.48 -16.56 13.80
N ASP A 143 -6.08 -16.41 14.98
CA ASP A 143 -7.53 -16.23 15.07
C ASP A 143 -7.98 -14.82 14.68
N ASP A 144 -7.03 -13.93 14.38
CA ASP A 144 -7.39 -12.60 13.88
C ASP A 144 -7.26 -12.41 12.37
N LYS A 145 -6.85 -13.44 11.64
CA LYS A 145 -6.64 -13.33 10.20
C LYS A 145 -7.88 -12.85 9.45
N LYS A 146 -9.05 -13.42 9.77
CA LYS A 146 -10.27 -13.02 9.12
C LYS A 146 -10.57 -11.55 9.37
N ARG A 147 -10.35 -11.08 10.60
CA ARG A 147 -10.66 -9.70 10.95
C ARG A 147 -9.68 -8.75 10.24
N ILE A 148 -8.42 -9.16 10.09
CA ILE A 148 -7.45 -8.34 9.39
C ILE A 148 -7.85 -8.21 7.93
N ILE A 149 -8.22 -9.33 7.30
CA ILE A 149 -8.68 -9.31 5.93
C ILE A 149 -9.89 -8.40 5.77
N ASP A 150 -10.83 -8.48 6.72
CA ASP A 150 -12.01 -7.65 6.61
C ASP A 150 -11.70 -6.17 6.80
N SER A 151 -10.72 -5.85 7.65
CA SER A 151 -10.29 -4.47 7.83
C SER A 151 -9.72 -3.89 6.53
N ALA A 152 -8.91 -4.69 5.83
CA ALA A 152 -8.44 -4.27 4.51
C ALA A 152 -9.60 -4.04 3.55
N ARG A 153 -10.48 -5.03 3.46
CA ARG A 153 -11.61 -4.94 2.55
CA ARG A 153 -11.61 -4.95 2.56
C ARG A 153 -12.44 -3.68 2.81
N SER A 154 -12.75 -3.42 4.07
CA SER A 154 -13.58 -2.31 4.45
C SER A 154 -12.97 -0.96 4.05
N ALA A 155 -11.66 -0.81 4.29
CA ALA A 155 -10.98 0.41 3.91
C ALA A 155 -10.98 0.59 2.38
N TYR A 156 -10.63 -0.47 1.65
CA TYR A 156 -10.67 -0.38 0.21
C TYR A 156 -12.08 -0.05 -0.32
N GLN A 157 -13.10 -0.70 0.27
CA GLN A 157 -14.46 -0.48 -0.21
C GLN A 157 -14.90 0.98 0.00
N GLU A 158 -14.61 1.56 1.17
CA GLU A 158 -14.97 2.95 1.41
C GLU A 158 -14.25 3.86 0.40
N ALA A 159 -12.97 3.57 0.12
CA ALA A 159 -12.21 4.34 -0.84
C ALA A 159 -12.83 4.23 -2.23
N MET A 160 -13.24 3.01 -2.60
CA MET A 160 -13.84 2.76 -3.91
CA MET A 160 -13.84 2.75 -3.90
C MET A 160 -15.13 3.56 -4.06
N ASP A 161 -15.95 3.55 -3.01
CA ASP A 161 -17.24 4.22 -3.08
C ASP A 161 -17.05 5.73 -3.31
N ILE A 162 -16.11 6.33 -2.57
CA ILE A 162 -15.81 7.75 -2.74
C ILE A 162 -15.25 8.03 -4.14
N SER A 163 -14.30 7.19 -4.57
CA SER A 163 -13.63 7.42 -5.84
C SER A 163 -14.60 7.39 -7.01
N LYS A 164 -15.57 6.48 -6.97
CA LYS A 164 -16.52 6.37 -8.07
C LYS A 164 -17.46 7.57 -8.12
N LYS A 165 -17.80 8.13 -6.95
CA LYS A 165 -18.68 9.29 -6.89
C LYS A 165 -18.00 10.62 -7.23
N GLU A 166 -16.73 10.76 -6.83
CA GLU A 166 -16.07 12.05 -6.79
C GLU A 166 -14.90 12.28 -7.75
N MET A 167 -14.41 11.25 -8.42
CA MET A 167 -13.20 11.35 -9.24
CA MET A 167 -13.21 11.37 -9.24
C MET A 167 -13.47 10.79 -10.62
N PRO A 168 -12.84 11.32 -11.69
CA PRO A 168 -12.98 10.74 -13.03
C PRO A 168 -12.34 9.37 -13.09
N PRO A 169 -12.78 8.52 -14.04
CA PRO A 169 -12.25 7.16 -14.14
C PRO A 169 -10.79 7.05 -14.52
N THR A 170 -10.18 8.16 -14.97
CA THR A 170 -8.76 8.22 -15.29
C THR A 170 -7.89 8.74 -14.14
N ASN A 171 -8.52 9.20 -13.05
CA ASN A 171 -7.74 9.77 -11.96
C ASN A 171 -6.71 8.77 -11.46
N PRO A 172 -5.42 9.12 -11.35
CA PRO A 172 -4.40 8.17 -10.94
C PRO A 172 -4.65 7.50 -9.59
N ILE A 173 -5.13 8.26 -8.61
CA ILE A 173 -5.41 7.67 -7.31
C ILE A 173 -6.54 6.63 -7.41
N ARG A 174 -7.60 6.99 -8.13
CA ARG A 174 -8.67 6.02 -8.36
C ARG A 174 -8.15 4.77 -9.06
N LEU A 175 -7.33 4.92 -10.09
CA LEU A 175 -6.78 3.79 -10.80
C LEU A 175 -5.89 2.92 -9.92
N GLY A 176 -5.04 3.54 -9.12
CA GLY A 176 -4.14 2.81 -8.26
C GLY A 176 -4.87 2.07 -7.15
N LEU A 177 -5.93 2.70 -6.62
CA LEU A 177 -6.81 2.03 -5.67
C LEU A 177 -7.40 0.76 -6.27
N ALA A 178 -7.95 0.88 -7.50
CA ALA A 178 -8.55 -0.28 -8.14
C ALA A 178 -7.54 -1.38 -8.41
N LEU A 179 -6.33 -0.99 -8.87
CA LEU A 179 -5.25 -1.93 -9.08
C LEU A 179 -4.99 -2.74 -7.81
N ASN A 180 -4.82 -2.04 -6.70
CA ASN A 180 -4.47 -2.70 -5.45
C ASN A 180 -5.61 -3.52 -4.86
N PHE A 181 -6.84 -3.00 -4.94
CA PHE A 181 -7.98 -3.76 -4.43
C PHE A 181 -8.16 -5.02 -5.25
N SER A 182 -7.93 -4.95 -6.56
CA SER A 182 -7.97 -6.13 -7.42
CA SER A 182 -7.98 -6.14 -7.41
C SER A 182 -6.94 -7.17 -6.96
N VAL A 183 -5.72 -6.73 -6.65
CA VAL A 183 -4.71 -7.62 -6.11
C VAL A 183 -5.14 -8.21 -4.77
N PHE A 184 -5.75 -7.41 -3.89
CA PHE A 184 -6.33 -7.93 -2.65
C PHE A 184 -7.28 -9.10 -2.94
N HIS A 185 -8.20 -8.90 -3.90
CA HIS A 185 -9.13 -9.97 -4.22
C HIS A 185 -8.41 -11.24 -4.65
N TYR A 186 -7.39 -11.12 -5.49
CA TYR A 186 -6.71 -12.26 -6.06
C TYR A 186 -5.84 -12.99 -5.04
N GLU A 187 -5.04 -12.22 -4.29
CA GLU A 187 -3.97 -12.77 -3.48
C GLU A 187 -4.37 -13.02 -2.03
N ILE A 188 -5.34 -12.25 -1.52
CA ILE A 188 -5.71 -12.31 -0.11
C ILE A 188 -7.08 -12.94 0.10
N ALA A 189 -8.08 -12.50 -0.66
CA ALA A 189 -9.47 -12.88 -0.42
C ALA A 189 -9.93 -14.11 -1.20
N ASN A 190 -9.02 -14.75 -1.95
CA ASN A 190 -9.35 -15.96 -2.69
C ASN A 190 -10.54 -15.74 -3.62
N SER A 191 -10.55 -14.59 -4.31
CA SER A 191 -11.63 -14.20 -5.19
C SER A 191 -11.06 -13.77 -6.55
N PRO A 192 -10.41 -14.68 -7.30
CA PRO A 192 -9.77 -14.30 -8.55
C PRO A 192 -10.74 -13.74 -9.59
N GLU A 193 -11.96 -14.24 -9.65
CA GLU A 193 -12.91 -13.69 -10.62
C GLU A 193 -13.24 -12.22 -10.33
N GLU A 194 -13.42 -11.86 -9.06
CA GLU A 194 -13.64 -10.49 -8.68
C GLU A 194 -12.44 -9.61 -9.02
N ALA A 195 -11.24 -10.16 -8.79
CA ALA A 195 -10.02 -9.45 -9.15
C ALA A 195 -9.96 -9.10 -10.63
N ILE A 196 -10.27 -10.09 -11.48
CA ILE A 196 -10.21 -9.95 -12.92
C ILE A 196 -11.30 -9.00 -13.38
N SER A 197 -12.53 -9.13 -12.88
CA SER A 197 -13.62 -8.26 -13.27
CA SER A 197 -13.63 -8.26 -13.25
C SER A 197 -13.29 -6.80 -12.92
N LEU A 198 -12.76 -6.57 -11.72
CA LEU A 198 -12.44 -5.21 -11.31
C LEU A 198 -11.36 -4.61 -12.20
N ALA A 199 -10.29 -5.37 -12.46
CA ALA A 199 -9.22 -4.84 -13.31
C ALA A 199 -9.73 -4.51 -14.71
N LYS A 200 -10.53 -5.40 -15.30
CA LYS A 200 -11.08 -5.18 -16.63
C LYS A 200 -12.00 -3.96 -16.72
N THR A 201 -12.96 -3.86 -15.78
CA THR A 201 -13.91 -2.77 -15.77
CA THR A 201 -13.91 -2.76 -15.81
C THR A 201 -13.17 -1.44 -15.57
N THR A 202 -12.19 -1.44 -14.66
CA THR A 202 -11.41 -0.24 -14.42
C THR A 202 -10.68 0.21 -15.68
N PHE A 203 -9.98 -0.74 -16.31
CA PHE A 203 -9.25 -0.46 -17.54
C PHE A 203 -10.16 0.14 -18.62
N ASP A 204 -11.30 -0.52 -18.85
CA ASP A 204 -12.18 -0.12 -19.91
C ASP A 204 -12.80 1.26 -19.68
N GLU A 205 -13.16 1.57 -18.44
CA GLU A 205 -13.77 2.85 -18.14
C GLU A 205 -12.74 3.97 -18.23
N ALA A 206 -11.49 3.66 -17.90
CA ALA A 206 -10.43 4.64 -18.07
C ALA A 206 -10.17 4.89 -19.56
N MET A 207 -10.10 3.82 -20.36
CA MET A 207 -9.86 3.95 -21.79
CA MET A 207 -9.84 3.96 -21.79
C MET A 207 -10.84 4.93 -22.43
N ALA A 208 -12.11 4.81 -22.05
CA ALA A 208 -13.17 5.61 -22.60
C ALA A 208 -13.10 7.10 -22.23
N ASP A 209 -12.31 7.45 -21.20
CA ASP A 209 -12.19 8.83 -20.73
C ASP A 209 -10.86 9.48 -21.11
N LEU A 210 -9.95 8.71 -21.73
CA LEU A 210 -8.64 9.27 -22.08
C LEU A 210 -8.73 10.50 -22.98
N HIS A 211 -9.77 10.57 -23.81
CA HIS A 211 -9.90 11.63 -24.79
C HIS A 211 -10.01 13.01 -24.15
N THR A 212 -10.36 13.05 -22.85
CA THR A 212 -10.56 14.30 -22.13
C THR A 212 -9.26 14.92 -21.62
N LEU A 213 -8.16 14.16 -21.70
CA LEU A 213 -6.94 14.45 -20.96
C LEU A 213 -5.89 15.19 -21.79
N SER A 214 -5.10 16.02 -21.10
CA SER A 214 -3.86 16.58 -21.63
C SER A 214 -2.82 15.49 -21.84
N GLU A 215 -1.73 15.81 -22.55
CA GLU A 215 -0.63 14.87 -22.75
C GLU A 215 -0.06 14.37 -21.42
N ASP A 216 0.15 15.28 -20.46
CA ASP A 216 0.74 14.92 -19.18
C ASP A 216 -0.18 14.01 -18.37
N SER A 217 -1.48 14.32 -18.32
CA SER A 217 -2.43 13.48 -17.61
C SER A 217 -2.58 12.10 -18.27
N TYR A 218 -2.61 12.11 -19.61
CA TYR A 218 -2.64 10.89 -20.39
C TYR A 218 -1.50 9.95 -20.03
N LYS A 219 -0.28 10.49 -19.92
CA LYS A 219 0.87 9.69 -19.53
C LYS A 219 0.67 8.99 -18.19
N ASP A 220 0.20 9.75 -17.19
CA ASP A 220 -0.02 9.20 -15.87
C ASP A 220 -1.04 8.07 -15.89
N SER A 221 -2.18 8.34 -16.53
CA SER A 221 -3.27 7.38 -16.51
C SER A 221 -2.89 6.11 -17.28
N THR A 222 -2.28 6.26 -18.47
CA THR A 222 -1.91 5.09 -19.27
C THR A 222 -0.85 4.22 -18.61
N LEU A 223 0.05 4.82 -17.82
CA LEU A 223 1.02 4.04 -17.07
C LEU A 223 0.32 3.06 -16.13
N ILE A 224 -0.66 3.56 -15.37
CA ILE A 224 -1.34 2.67 -14.42
C ILE A 224 -2.25 1.69 -15.15
N MET A 225 -2.89 2.13 -16.23
CA MET A 225 -3.67 1.21 -17.05
C MET A 225 -2.83 0.02 -17.51
N GLN A 226 -1.56 0.26 -17.85
CA GLN A 226 -0.69 -0.82 -18.28
C GLN A 226 -0.43 -1.80 -17.15
N LEU A 227 -0.34 -1.32 -15.90
CA LEU A 227 -0.22 -2.23 -14.77
C LEU A 227 -1.47 -3.11 -14.60
N LEU A 228 -2.65 -2.53 -14.79
CA LEU A 228 -3.87 -3.33 -14.79
C LEU A 228 -3.79 -4.42 -15.86
N ARG A 229 -3.38 -4.05 -17.08
CA ARG A 229 -3.25 -5.01 -18.19
C ARG A 229 -2.23 -6.09 -17.86
N ASP A 230 -1.12 -5.70 -17.24
CA ASP A 230 -0.09 -6.66 -16.85
C ASP A 230 -0.65 -7.71 -15.89
N ASN A 231 -1.41 -7.26 -14.89
CA ASN A 231 -2.01 -8.20 -13.97
C ASN A 231 -3.03 -9.10 -14.68
N LEU A 232 -3.85 -8.51 -15.54
CA LEU A 232 -4.79 -9.31 -16.32
C LEU A 232 -4.09 -10.39 -17.14
N THR A 233 -2.96 -10.04 -17.74
CA THR A 233 -2.20 -11.02 -18.51
C THR A 233 -1.64 -12.13 -17.63
N LEU A 234 -1.19 -11.77 -16.42
CA LEU A 234 -0.71 -12.74 -15.46
C LEU A 234 -1.79 -13.73 -15.02
N TRP A 235 -3.04 -13.24 -14.94
CA TRP A 235 -4.15 -13.98 -14.36
C TRP A 235 -5.05 -14.74 -15.35
N THR A 236 -4.85 -14.51 -16.65
CA THR A 236 -5.69 -15.10 -17.69
C THR A 236 -4.86 -15.83 -18.75
N PHE B 1 4.94 -11.95 -8.59
CA PHE B 1 3.94 -11.19 -7.85
C PHE B 1 3.28 -10.14 -8.73
N PRO B 2 2.00 -9.81 -8.49
CA PRO B 2 1.30 -8.81 -9.28
C PRO B 2 1.68 -7.37 -8.94
N ALA B 3 1.37 -6.45 -9.85
CA ALA B 3 1.73 -5.05 -9.67
C ALA B 3 0.77 -4.34 -8.73
N TPO B 4 1.35 -3.53 -7.83
CA TPO B 4 0.61 -2.62 -6.97
CB TPO B 4 0.43 -3.18 -5.55
CG2 TPO B 4 -0.45 -4.42 -5.53
OG1 TPO B 4 1.77 -3.50 -5.06
P TPO B 4 2.05 -3.88 -3.51
O1P TPO B 4 1.61 -5.32 -3.27
O2P TPO B 4 3.54 -3.70 -3.38
O3P TPO B 4 1.24 -2.95 -2.68
C TPO B 4 1.35 -1.29 -6.94
O TPO B 4 2.55 -1.26 -7.23
N VAL B 5 0.63 -0.22 -6.57
CA VAL B 5 1.22 1.12 -6.48
C VAL B 5 0.98 1.79 -5.15
C4 A1I0Q C . -1.65 6.08 -4.45
C14 A1I0Q C . -1.01 12.20 -4.17
C5 A1I0Q C . -0.34 6.21 -4.11
C6 A1I0Q C . 0.62 6.35 -5.09
C11 A1I0Q C . 0.94 9.62 -6.17
C7 A1I0Q C . 0.28 6.34 -6.43
C8 A1I0Q C . 1.14 7.39 -8.45
C9 A1I0Q C . 0.68 8.69 -8.49
C10 A1I0Q C . 0.25 9.58 -7.39
C12 A1I0Q C . 0.55 10.46 -5.13
C13 A1I0Q C . -0.56 11.28 -5.27
N1 A1I0Q C . 1.28 6.50 -7.40
N2 A1I0Q C . -1.62 13.43 -4.69
C3 A1I0Q C . -2.01 6.06 -5.79
N3 A1I0Q C . 0.63 9.15 -9.80
C1 A1I0Q C . -1.55 6.12 -8.28
C2 A1I0Q C . -1.07 6.20 -6.80
CL1 A1I0Q C . 2.26 6.55 -4.59
C15 A1I0Q C . -2.68 14.03 -4.15
O1 A1I0Q C . -3.20 13.67 -3.09
C16 A1I0Q C . -3.24 15.22 -4.91
C17 A1I0Q C . -1.25 11.25 -6.49
C18 A1I0Q C . -0.85 10.42 -7.53
C19 A1I0Q C . 1.08 8.15 -10.57
C20 A1I0Q C . 1.26 8.07 -11.97
C21 A1I0Q C . 1.73 6.92 -12.50
C22 A1I0Q C . 2.02 5.80 -11.66
C23 A1I0Q C . 1.86 5.88 -10.32
N4 A1I0Q C . 1.40 7.05 -9.79
CA CA D . 7.39 25.47 13.52
CA CA E . 4.29 -13.90 14.44
CA CA F . -14.63 -17.83 -14.63
CL CL G . 19.40 15.37 10.29
#